data_2C1X
#
_entry.id   2C1X
#
_cell.length_a   49.014
_cell.length_b   93.394
_cell.length_c   106.464
_cell.angle_alpha   90.00
_cell.angle_beta   90.00
_cell.angle_gamma   90.00
#
_symmetry.space_group_name_H-M   'P 21 21 21'
#
loop_
_entity.id
_entity.type
_entity.pdbx_description
1 polymer 'UDP-GLUCOSE FLAVONOID 3-O GLYCOSYLTRANSFERASE'
2 non-polymer "URIDINE-5'-DIPHOSPHATE"
3 non-polymer 2-[3-(2-HYDROXY-1,1-DIHYDROXYMETHYL-ETHYLAMINO)-PROPYLAMINO]-2-HYDROXYMETHYL-PROPANE-1,3-DIOL
4 water water
#
_entity_poly.entity_id   1
_entity_poly.type   'polypeptide(L)'
_entity_poly.pdbx_seq_one_letter_code
;MSQTTTNPHVAVLAFPFSTHAAPLLAVVRRLAAAAPHAVFSFFSTSQSNASIFHDSMHTMQCNIKSYDISDGVPEGYVFA
GRPQEDIELFTRAAPESFRQGMVMAVAETGRPVSCLVADAFIWFAADMAAEMGVAWLPFWTAGPNSLSTHVYIDEIREKI
GVSGIQGREDELLNFIPGMSKVRFRDLQEGIVFGNLNSLFSRMLHRMGQVLPKATAVFINSFEELDDSLTNDLKSKLKTY
LNIGPFNLITPPPVVPNTTGCLQWLKERKPTSVVYISFGTVTTPPPAEVVALSEALEASRVPFIWSLRDKARVHLPEGFL
EKTRGYGMVVPWAPQAEVLAHEAVGAFVTHCGWNSLWESVAGGVPLICRPFFGDQRLNGRMVEDVLEIGVRIEGGVFTKS
GLMSCFDQILSQEKGKKLRENLRALRETADRAVGPKGSSTENFITLVDLVSKPKDV
;
_entity_poly.pdbx_strand_id   A
#
loop_
_chem_comp.id
_chem_comp.type
_chem_comp.name
_chem_comp.formula
B3P non-polymer 2-[3-(2-HYDROXY-1,1-DIHYDROXYMETHYL-ETHYLAMINO)-PROPYLAMINO]-2-HYDROXYMETHYL-PROPANE-1,3-DIOL 'C11 H26 N2 O6'
UDP RNA linking URIDINE-5'-DIPHOSPHATE 'C9 H14 N2 O12 P2'
#
# COMPACT_ATOMS: atom_id res chain seq x y z
N ASN A 7 10.27 29.18 12.63
CA ASN A 7 9.89 28.70 11.27
C ASN A 7 9.99 27.16 11.26
N PRO A 8 9.15 26.50 10.44
CA PRO A 8 8.85 25.09 10.68
C PRO A 8 10.01 24.11 10.43
N HIS A 9 10.03 23.04 11.23
CA HIS A 9 10.94 21.93 10.97
C HIS A 9 10.11 20.66 11.14
N VAL A 10 9.84 20.01 10.02
CA VAL A 10 8.93 18.89 9.98
C VAL A 10 9.73 17.59 10.06
N ALA A 11 9.54 16.84 11.15
CA ALA A 11 10.22 15.54 11.27
C ALA A 11 9.35 14.47 10.60
N VAL A 12 9.95 13.62 9.77
CA VAL A 12 9.18 12.65 8.98
C VAL A 12 9.72 11.24 9.28
N LEU A 13 8.88 10.41 9.86
CA LEU A 13 9.31 9.11 10.34
C LEU A 13 8.74 8.03 9.43
N ALA A 14 9.62 7.43 8.61
CA ALA A 14 9.21 6.46 7.61
C ALA A 14 9.17 5.04 8.17
N PHE A 15 8.28 4.19 7.66
CA PHE A 15 8.32 2.74 7.99
C PHE A 15 9.12 2.04 6.89
N PRO A 16 10.28 1.45 7.24
CA PRO A 16 11.24 1.09 6.21
C PRO A 16 11.04 -0.29 5.55
N PHE A 17 9.84 -0.87 5.66
CA PHE A 17 9.58 -2.16 4.99
C PHE A 17 8.43 -2.02 4.01
N SER A 18 8.36 -2.93 3.03
CA SER A 18 7.34 -2.87 1.97
C SER A 18 7.32 -1.53 1.24
N THR A 19 6.20 -1.14 0.64
CA THR A 19 6.18 0.14 -0.06
C THR A 19 5.50 1.18 0.82
N HIS A 20 6.27 1.67 1.79
CA HIS A 20 5.76 2.65 2.77
C HIS A 20 6.57 3.92 2.72
N ALA A 21 7.91 3.80 2.70
CA ALA A 21 8.80 4.98 2.70
C ALA A 21 8.72 5.79 1.39
N ALA A 22 8.61 5.11 0.25
CA ALA A 22 8.47 5.76 -1.05
C ALA A 22 7.26 6.71 -1.18
N PRO A 23 6.03 6.19 -0.94
CA PRO A 23 4.85 7.06 -1.00
C PRO A 23 4.95 8.21 0.01
N LEU A 24 5.52 7.97 1.19
CA LEU A 24 5.67 9.03 2.20
C LEU A 24 6.62 10.13 1.68
N LEU A 25 7.77 9.74 1.14
CA LEU A 25 8.67 10.67 0.47
C LEU A 25 8.00 11.43 -0.65
N ALA A 26 7.19 10.72 -1.44
CA ALA A 26 6.40 11.35 -2.49
C ALA A 26 5.56 12.51 -1.94
N VAL A 27 4.84 12.30 -0.82
CA VAL A 27 4.05 13.41 -0.22
C VAL A 27 4.94 14.51 0.32
N VAL A 28 6.08 14.12 0.92
CA VAL A 28 6.99 15.09 1.54
C VAL A 28 7.53 16.05 0.46
N ARG A 29 7.93 15.48 -0.68
CA ARG A 29 8.31 16.31 -1.84
C ARG A 29 7.25 17.35 -2.23
N ARG A 30 5.97 16.97 -2.30
CA ARG A 30 4.89 17.94 -2.60
C ARG A 30 4.75 18.99 -1.50
N LEU A 31 4.90 18.57 -0.24
CA LEU A 31 4.82 19.49 0.91
C LEU A 31 5.98 20.48 0.92
N ALA A 32 7.18 19.98 0.64
CA ALA A 32 8.38 20.80 0.56
C ALA A 32 8.31 21.86 -0.52
N ALA A 33 7.73 21.50 -1.67
CA ALA A 33 7.48 22.49 -2.73
C ALA A 33 6.41 23.48 -2.33
N ALA A 34 5.39 23.03 -1.62
CA ALA A 34 4.29 23.91 -1.20
C ALA A 34 4.65 24.82 -0.01
N ALA A 35 5.64 24.42 0.79
CA ALA A 35 6.05 25.17 1.98
C ALA A 35 7.58 25.32 1.91
N PRO A 36 8.08 26.16 0.97
CA PRO A 36 9.54 26.24 0.76
C PRO A 36 10.32 26.84 1.94
N HIS A 37 9.63 27.49 2.86
CA HIS A 37 10.24 28.08 4.03
C HIS A 37 10.38 27.06 5.18
N ALA A 38 9.74 25.88 5.05
CA ALA A 38 9.85 24.82 6.07
C ALA A 38 11.01 23.89 5.68
N VAL A 39 11.69 23.35 6.70
CA VAL A 39 12.76 22.35 6.46
C VAL A 39 12.17 20.99 6.85
N PHE A 40 12.57 19.97 6.10
CA PHE A 40 11.98 18.64 6.25
C PHE A 40 13.15 17.69 6.51
N SER A 41 13.02 16.90 7.57
CA SER A 41 14.03 15.90 7.89
C SER A 41 13.38 14.52 7.80
N PHE A 42 13.89 13.71 6.89
CA PHE A 42 13.25 12.43 6.50
C PHE A 42 14.03 11.32 7.16
N PHE A 43 13.39 10.58 8.06
CA PHE A 43 14.11 9.52 8.84
C PHE A 43 13.72 8.13 8.38
N SER A 44 14.70 7.32 7.97
CA SER A 44 14.46 5.93 7.70
C SER A 44 15.79 5.17 7.90
N THR A 45 15.81 3.85 7.71
CA THR A 45 17.08 3.12 7.70
C THR A 45 17.96 3.49 6.48
N SER A 46 19.26 3.18 6.56
CA SER A 46 20.14 3.55 5.45
C SER A 46 19.75 2.82 4.19
N GLN A 47 19.42 1.53 4.31
CA GLN A 47 18.99 0.72 3.16
C GLN A 47 17.70 1.30 2.52
N SER A 48 16.77 1.76 3.37
CA SER A 48 15.51 2.33 2.87
C SER A 48 15.78 3.66 2.17
N ASN A 49 16.52 4.55 2.82
CA ASN A 49 16.94 5.81 2.23
C ASN A 49 17.71 5.67 0.90
N ALA A 50 18.69 4.78 0.85
CA ALA A 50 19.44 4.52 -0.39
C ALA A 50 18.51 4.10 -1.50
N SER A 51 17.52 3.29 -1.15
CA SER A 51 16.55 2.81 -2.12
C SER A 51 15.60 3.88 -2.67
N ILE A 52 15.03 4.72 -1.80
CA ILE A 52 14.02 5.70 -2.23
C ILE A 52 14.58 7.03 -2.76
N PHE A 53 15.79 7.38 -2.34
CA PHE A 53 16.47 8.59 -2.81
C PHE A 53 17.44 8.26 -3.95
N GLN A 61 14.05 19.26 -4.07
CA GLN A 61 13.65 20.15 -2.99
C GLN A 61 14.80 20.17 -1.99
N CYS A 62 15.58 21.26 -2.04
CA CYS A 62 16.78 21.40 -1.21
C CYS A 62 16.43 21.54 0.26
N ASN A 63 15.17 21.86 0.55
CA ASN A 63 14.72 21.92 1.96
C ASN A 63 14.43 20.55 2.62
N ILE A 64 14.66 19.46 1.87
CA ILE A 64 14.57 18.10 2.45
C ILE A 64 15.97 17.53 2.61
N LYS A 65 16.25 16.94 3.76
CA LYS A 65 17.49 16.17 3.97
C LYS A 65 17.09 14.83 4.61
N SER A 66 17.62 13.72 4.08
CA SER A 66 17.44 12.40 4.72
C SER A 66 18.42 12.16 5.88
N TYR A 67 17.99 11.39 6.89
CA TYR A 67 18.83 10.96 8.01
C TYR A 67 18.65 9.46 8.21
N ASP A 68 19.77 8.75 8.31
CA ASP A 68 19.73 7.28 8.52
C ASP A 68 19.61 7.00 9.98
N ILE A 69 18.61 6.19 10.34
CA ILE A 69 18.40 5.82 11.72
C ILE A 69 18.59 4.30 11.85
N SER A 70 18.72 3.81 13.07
CA SER A 70 19.13 2.43 13.27
C SER A 70 18.06 1.43 12.82
N ASP A 71 18.46 0.33 12.19
CA ASP A 71 17.50 -0.75 11.88
C ASP A 71 17.13 -1.61 13.09
N GLY A 72 17.68 -1.24 14.24
CA GLY A 72 17.37 -1.91 15.49
C GLY A 72 18.06 -3.26 15.71
N VAL A 73 18.95 -3.64 14.81
CA VAL A 73 19.61 -4.94 14.92
C VAL A 73 20.86 -4.81 15.80
N PRO A 74 20.89 -5.52 16.94
CA PRO A 74 22.03 -5.44 17.87
C PRO A 74 23.31 -5.91 17.16
N GLU A 75 24.48 -5.45 17.62
CA GLU A 75 25.76 -5.66 16.90
C GLU A 75 26.09 -7.14 16.53
N GLY A 76 26.00 -8.06 17.48
CA GLY A 76 26.35 -9.45 17.15
C GLY A 76 25.17 -10.40 16.94
N TYR A 77 24.06 -9.87 16.43
CA TYR A 77 22.78 -10.57 16.50
C TYR A 77 22.71 -11.69 15.48
N VAL A 78 22.32 -12.86 15.96
CA VAL A 78 22.05 -13.97 15.07
C VAL A 78 20.57 -14.12 14.96
N PHE A 79 20.06 -14.03 13.73
CA PHE A 79 18.64 -14.12 13.48
C PHE A 79 18.13 -15.52 13.79
N ALA A 80 16.96 -15.58 14.43
CA ALA A 80 16.29 -16.83 14.69
C ALA A 80 15.78 -17.37 13.37
N GLY A 81 15.38 -16.46 12.50
CA GLY A 81 14.83 -16.84 11.20
C GLY A 81 13.32 -16.82 11.19
N ARG A 82 12.74 -16.16 12.21
CA ARG A 82 11.31 -15.93 12.25
C ARG A 82 10.91 -14.99 11.11
N PRO A 83 9.65 -15.09 10.65
CA PRO A 83 9.11 -14.14 9.68
C PRO A 83 8.91 -12.75 10.30
N GLN A 84 9.38 -11.71 9.62
CA GLN A 84 9.24 -10.34 10.11
C GLN A 84 9.99 -10.12 11.43
N GLU A 85 11.10 -10.86 11.59
CA GLU A 85 12.00 -10.67 12.71
C GLU A 85 12.71 -9.31 12.55
N ASP A 86 13.10 -8.97 11.31
CA ASP A 86 13.70 -7.65 11.05
C ASP A 86 12.73 -6.51 11.47
N ILE A 87 11.45 -6.72 11.18
CA ILE A 87 10.42 -5.75 11.51
C ILE A 87 10.26 -5.61 13.02
N GLU A 88 10.32 -6.72 13.75
CA GLU A 88 10.24 -6.66 15.22
C GLU A 88 11.41 -5.89 15.79
N LEU A 89 12.60 -6.16 15.27
CA LEU A 89 13.81 -5.55 15.81
C LEU A 89 13.78 -4.05 15.55
N PHE A 90 13.39 -3.69 14.33
CA PHE A 90 13.25 -2.27 14.01
C PHE A 90 12.24 -1.58 14.93
N THR A 91 11.03 -2.15 15.02
CA THR A 91 9.94 -1.56 15.78
C THR A 91 10.27 -1.30 17.27
N ARG A 92 10.89 -2.28 17.92
CA ARG A 92 11.24 -2.18 19.34
C ARG A 92 12.23 -1.04 19.64
N ALA A 93 13.21 -0.90 18.75
CA ALA A 93 14.24 0.13 18.86
C ALA A 93 13.78 1.48 18.30
N ALA A 94 12.71 1.47 17.50
CA ALA A 94 12.31 2.65 16.70
C ALA A 94 12.11 3.96 17.47
N PRO A 95 11.39 3.94 18.62
CA PRO A 95 11.23 5.16 19.43
C PRO A 95 12.56 5.85 19.72
N GLU A 96 13.53 5.05 20.15
CA GLU A 96 14.86 5.55 20.45
C GLU A 96 15.66 5.90 19.18
N SER A 97 15.61 5.03 18.17
CA SER A 97 16.24 5.30 16.86
C SER A 97 15.80 6.65 16.27
N PHE A 98 14.49 6.86 16.20
CA PHE A 98 13.96 8.13 15.66
C PHE A 98 14.34 9.33 16.55
N ARG A 99 14.25 9.17 17.88
CA ARG A 99 14.68 10.23 18.82
C ARG A 99 16.10 10.72 18.54
N GLN A 100 17.04 9.77 18.40
CA GLN A 100 18.44 10.10 18.11
C GLN A 100 18.62 10.75 16.74
N GLY A 101 17.94 10.23 15.72
CA GLY A 101 17.88 10.94 14.45
C GLY A 101 17.39 12.38 14.58
N MET A 102 16.30 12.58 15.32
CA MET A 102 15.75 13.95 15.44
C MET A 102 16.70 14.91 16.20
N VAL A 103 17.39 14.37 17.20
CA VAL A 103 18.41 15.17 17.91
C VAL A 103 19.42 15.70 16.91
N MET A 104 19.91 14.81 16.04
CA MET A 104 20.89 15.14 15.00
C MET A 104 20.36 16.24 14.07
N ALA A 105 19.13 16.08 13.59
CA ALA A 105 18.52 17.04 12.67
C ALA A 105 18.30 18.42 13.32
N VAL A 106 17.84 18.44 14.56
CA VAL A 106 17.67 19.70 15.31
C VAL A 106 19.03 20.42 15.44
N ALA A 107 20.06 19.66 15.83
CA ALA A 107 21.41 20.21 15.92
C ALA A 107 21.90 20.77 14.57
N GLU A 108 21.65 20.05 13.47
CA GLU A 108 22.12 20.53 12.17
C GLU A 108 21.38 21.78 11.69
N THR A 109 20.06 21.80 11.86
CA THR A 109 19.23 22.90 11.34
C THR A 109 19.20 24.07 12.33
N GLY A 110 19.49 23.82 13.60
CA GLY A 110 19.26 24.79 14.68
C GLY A 110 17.79 25.15 14.85
N ARG A 111 16.90 24.25 14.39
CA ARG A 111 15.44 24.40 14.52
C ARG A 111 14.80 23.25 15.28
N PRO A 112 14.08 23.54 16.38
CA PRO A 112 13.29 22.50 17.06
C PRO A 112 12.26 21.90 16.10
N VAL A 113 11.96 20.61 16.29
CA VAL A 113 10.94 19.98 15.46
C VAL A 113 9.59 20.66 15.79
N SER A 114 8.85 21.05 14.76
CA SER A 114 7.56 21.73 14.95
C SER A 114 6.34 20.87 14.63
N CYS A 115 6.57 19.70 14.02
CA CYS A 115 5.49 18.88 13.46
C CYS A 115 6.06 17.46 13.31
N LEU A 116 5.31 16.43 13.70
CA LEU A 116 5.78 15.08 13.51
C LEU A 116 4.87 14.37 12.52
N VAL A 117 5.39 14.18 11.32
CA VAL A 117 4.66 13.39 10.31
C VAL A 117 5.23 11.99 10.39
N ALA A 118 4.38 10.95 10.35
CA ALA A 118 4.94 9.62 10.48
C ALA A 118 4.03 8.60 9.83
N ASP A 119 4.59 7.50 9.36
CA ASP A 119 3.73 6.39 8.96
C ASP A 119 2.88 6.00 10.19
N ALA A 120 1.58 5.74 9.96
CA ALA A 120 0.69 5.26 11.03
C ALA A 120 1.25 4.02 11.74
N PHE A 121 2.15 3.27 11.08
CA PHE A 121 2.74 2.06 11.68
C PHE A 121 3.93 2.39 12.58
N ILE A 122 4.23 3.67 12.74
CA ILE A 122 5.32 4.04 13.62
C ILE A 122 4.71 4.11 14.98
N TRP A 123 5.00 3.08 15.76
CA TRP A 123 4.30 2.98 17.02
C TRP A 123 4.98 3.91 18.03
N PHE A 124 4.13 4.69 18.71
CA PHE A 124 4.57 5.67 19.68
C PHE A 124 4.86 7.06 19.10
N ALA A 125 4.68 7.26 17.79
CA ALA A 125 4.81 8.60 17.23
C ALA A 125 3.81 9.56 17.91
N ALA A 126 2.60 9.08 18.24
CA ALA A 126 1.64 9.95 18.93
C ALA A 126 2.19 10.43 20.28
N ASP A 127 2.80 9.52 21.04
CA ASP A 127 3.40 9.85 22.36
C ASP A 127 4.63 10.76 22.22
N MET A 128 5.44 10.51 21.20
CA MET A 128 6.58 11.36 20.88
C MET A 128 6.13 12.76 20.55
N ALA A 129 5.08 12.90 19.72
CA ALA A 129 4.58 14.26 19.42
C ALA A 129 4.03 14.99 20.66
N ALA A 130 3.24 14.28 21.49
CA ALA A 130 2.74 14.82 22.76
C ALA A 130 3.86 15.30 23.68
N GLU A 131 4.90 14.48 23.83
CA GLU A 131 6.02 14.84 24.67
C GLU A 131 6.79 16.06 24.14
N MET A 132 6.85 16.22 22.82
CA MET A 132 7.54 17.34 22.23
C MET A 132 6.68 18.60 22.13
N GLY A 133 5.37 18.44 22.35
CA GLY A 133 4.40 19.53 22.24
C GLY A 133 4.13 19.97 20.81
N VAL A 134 4.11 19.00 19.88
CA VAL A 134 3.93 19.30 18.46
C VAL A 134 2.79 18.44 17.89
N ALA A 135 2.24 18.84 16.75
CA ALA A 135 1.17 18.08 16.08
C ALA A 135 1.65 16.72 15.61
N TRP A 136 0.76 15.73 15.68
CA TRP A 136 1.04 14.42 15.13
C TRP A 136 0.18 14.25 13.86
N LEU A 137 0.86 14.01 12.72
CA LEU A 137 0.17 13.85 11.43
C LEU A 137 0.50 12.50 10.80
N PRO A 138 -0.20 11.44 11.22
CA PRO A 138 0.10 10.13 10.63
C PRO A 138 -0.40 9.97 9.19
N PHE A 139 0.41 9.26 8.42
CA PHE A 139 0.08 8.90 7.04
C PHE A 139 -0.35 7.44 7.02
N TRP A 140 -1.57 7.20 6.55
CA TRP A 140 -2.04 5.84 6.30
C TRP A 140 -1.68 5.53 4.85
N THR A 141 -0.76 4.60 4.63
CA THR A 141 -0.20 4.32 3.29
C THR A 141 -1.08 3.41 2.43
N ALA A 142 -2.14 2.87 3.05
CA ALA A 142 -2.99 1.89 2.39
C ALA A 142 -4.42 2.48 2.15
N GLY A 143 -5.42 1.62 2.08
CA GLY A 143 -6.75 2.07 1.73
C GLY A 143 -7.62 2.42 2.93
N PRO A 144 -8.72 3.16 2.68
CA PRO A 144 -9.58 3.56 3.80
C PRO A 144 -10.33 2.35 4.37
N ASN A 145 -10.45 1.27 3.58
CA ASN A 145 -11.05 0.04 4.08
C ASN A 145 -10.26 -0.53 5.29
N SER A 146 -8.93 -0.62 5.15
CA SER A 146 -8.09 -1.12 6.21
C SER A 146 -7.96 -0.08 7.36
N LEU A 147 -7.95 1.20 7.03
CA LEU A 147 -8.01 2.25 8.03
C LEU A 147 -9.28 2.14 8.88
N SER A 148 -10.40 1.85 8.22
CA SER A 148 -11.68 1.73 8.90
C SER A 148 -11.66 0.58 9.90
N THR A 149 -11.23 -0.59 9.45
CA THR A 149 -11.23 -1.81 10.30
C THR A 149 -10.26 -1.71 11.51
N HIS A 150 -9.11 -1.06 11.32
CA HIS A 150 -8.20 -0.77 12.46
C HIS A 150 -8.82 0.15 13.49
N VAL A 151 -9.47 1.21 13.03
CA VAL A 151 -10.12 2.17 13.93
C VAL A 151 -11.33 1.56 14.67
N TYR A 152 -11.92 0.51 14.08
CA TYR A 152 -13.02 -0.25 14.69
C TYR A 152 -12.60 -1.59 15.31
N ILE A 153 -11.31 -1.80 15.58
CA ILE A 153 -10.85 -3.11 16.06
C ILE A 153 -11.61 -3.61 17.31
N ASP A 154 -11.82 -2.75 18.30
CA ASP A 154 -12.55 -3.15 19.53
C ASP A 154 -14.00 -3.56 19.23
N GLU A 155 -14.70 -2.74 18.46
CA GLU A 155 -16.07 -3.02 18.03
C GLU A 155 -16.18 -4.33 17.25
N ILE A 156 -15.22 -4.57 16.35
CA ILE A 156 -15.22 -5.81 15.56
C ILE A 156 -14.97 -7.05 16.43
N ARG A 157 -13.97 -6.95 17.29
CA ARG A 157 -13.69 -7.98 18.29
C ARG A 157 -14.88 -8.20 19.24
N GLU A 158 -15.47 -7.12 19.76
CA GLU A 158 -16.70 -7.21 20.55
C GLU A 158 -17.81 -7.99 19.85
N LYS A 159 -18.05 -7.70 18.57
CA LYS A 159 -19.15 -8.33 17.82
C LYS A 159 -18.91 -9.77 17.39
N ILE A 160 -17.72 -10.06 16.90
CA ILE A 160 -17.41 -11.37 16.37
C ILE A 160 -16.82 -12.30 17.43
N GLY A 161 -16.07 -11.74 18.37
CA GLY A 161 -15.29 -12.52 19.31
C GLY A 161 -13.88 -12.83 18.83
N VAL A 162 -13.05 -13.31 19.75
CA VAL A 162 -11.62 -13.58 19.46
C VAL A 162 -11.24 -15.06 19.53
N SER A 163 -12.22 -15.95 19.51
CA SER A 163 -11.92 -17.38 19.58
C SER A 163 -12.00 -18.07 18.21
N GLY A 164 -11.98 -17.26 17.14
CA GLY A 164 -11.95 -17.77 15.78
C GLY A 164 -13.26 -17.56 15.06
N ILE A 165 -13.20 -17.72 13.73
CA ILE A 165 -14.36 -17.49 12.86
C ILE A 165 -14.77 -18.72 12.05
N GLN A 166 -14.29 -19.90 12.45
CA GLN A 166 -14.61 -21.16 11.76
C GLN A 166 -16.12 -21.27 11.60
N GLY A 167 -16.55 -21.52 10.38
CA GLY A 167 -17.98 -21.65 10.06
C GLY A 167 -18.70 -20.33 9.86
N ARG A 168 -17.94 -19.23 9.89
CA ARG A 168 -18.53 -17.89 9.74
C ARG A 168 -17.68 -17.01 8.81
N GLU A 169 -16.75 -17.64 8.10
CA GLU A 169 -15.84 -16.92 7.20
C GLU A 169 -16.55 -16.01 6.19
N ASP A 170 -17.76 -16.39 5.78
CA ASP A 170 -18.44 -15.63 4.74
C ASP A 170 -19.53 -14.71 5.26
N GLU A 171 -19.62 -14.59 6.58
CA GLU A 171 -20.49 -13.61 7.22
C GLU A 171 -20.01 -12.20 6.93
N LEU A 172 -20.96 -11.27 6.90
CA LEU A 172 -20.69 -9.92 6.43
C LEU A 172 -20.44 -8.95 7.58
N LEU A 173 -19.52 -8.00 7.34
CA LEU A 173 -19.15 -6.98 8.30
C LEU A 173 -20.11 -5.81 8.18
N ASN A 174 -21.40 -6.11 7.95
CA ASN A 174 -22.37 -5.05 7.62
C ASN A 174 -22.78 -4.12 8.77
N PHE A 175 -22.31 -4.40 9.98
CA PHE A 175 -22.50 -3.50 11.11
C PHE A 175 -21.49 -2.33 11.13
N ILE A 176 -20.49 -2.38 10.25
CA ILE A 176 -19.54 -1.28 10.10
C ILE A 176 -19.84 -0.47 8.84
N PRO A 177 -20.06 0.85 9.00
CA PRO A 177 -20.37 1.72 7.88
C PRO A 177 -19.35 1.60 6.73
N GLY A 178 -19.85 1.47 5.52
CA GLY A 178 -18.99 1.31 4.36
C GLY A 178 -18.41 -0.09 4.18
N MET A 179 -18.72 -1.03 5.05
CA MET A 179 -18.14 -2.39 4.97
C MET A 179 -19.13 -3.49 4.64
N SER A 180 -20.27 -3.15 4.04
CA SER A 180 -21.35 -4.15 3.83
C SER A 180 -20.92 -5.35 2.97
N LYS A 181 -19.93 -5.15 2.07
CA LYS A 181 -19.48 -6.24 1.19
C LYS A 181 -18.28 -7.00 1.76
N VAL A 182 -17.74 -6.49 2.86
CA VAL A 182 -16.62 -7.12 3.54
C VAL A 182 -17.05 -8.37 4.34
N ARG A 183 -16.39 -9.48 4.07
CA ARG A 183 -16.61 -10.72 4.79
C ARG A 183 -15.58 -10.91 5.88
N PHE A 184 -15.98 -11.62 6.95
CA PHE A 184 -15.11 -11.93 8.08
C PHE A 184 -13.72 -12.40 7.63
N ARG A 185 -13.68 -13.33 6.65
CA ARG A 185 -12.43 -13.84 6.11
C ARG A 185 -11.55 -12.76 5.44
N ASP A 186 -12.14 -11.63 5.03
CA ASP A 186 -11.38 -10.53 4.39
C ASP A 186 -10.57 -9.70 5.36
N LEU A 187 -10.87 -9.80 6.65
CA LEU A 187 -10.17 -9.00 7.66
C LEU A 187 -8.67 -9.29 7.75
N GLN A 188 -7.88 -8.24 8.06
CA GLN A 188 -6.44 -8.37 8.22
C GLN A 188 -6.14 -9.32 9.39
N GLU A 189 -4.99 -9.99 9.34
CA GLU A 189 -4.49 -10.75 10.48
C GLU A 189 -4.29 -9.77 11.65
N GLY A 190 -4.63 -10.23 12.85
CA GLY A 190 -4.49 -9.41 14.05
C GLY A 190 -5.78 -8.78 14.54
N ILE A 191 -6.86 -8.87 13.75
CA ILE A 191 -8.14 -8.27 14.14
C ILE A 191 -8.94 -9.31 14.95
N VAL A 192 -9.29 -10.43 14.31
CA VAL A 192 -10.08 -11.48 14.97
C VAL A 192 -9.53 -12.88 14.70
N PHE A 193 -8.47 -12.95 13.89
CA PHE A 193 -7.77 -14.20 13.63
C PHE A 193 -6.31 -13.94 13.29
N GLY A 194 -5.49 -14.99 13.38
CA GLY A 194 -4.04 -14.83 13.34
C GLY A 194 -3.52 -14.79 14.76
N ASN A 195 -2.23 -14.48 14.91
CA ASN A 195 -1.63 -14.41 16.25
C ASN A 195 -1.98 -13.11 16.96
N LEU A 196 -3.08 -13.14 17.72
CA LEU A 196 -3.60 -11.95 18.38
C LEU A 196 -2.73 -11.45 19.50
N ASN A 197 -1.75 -12.25 19.90
CA ASN A 197 -0.91 -11.86 21.02
C ASN A 197 0.46 -11.35 20.58
N SER A 198 0.75 -11.42 19.27
CA SER A 198 2.04 -10.99 18.73
C SER A 198 2.33 -9.50 18.96
N LEU A 199 3.60 -9.12 18.85
CA LEU A 199 4.01 -7.72 18.94
C LEU A 199 3.32 -6.87 17.87
N PHE A 200 3.31 -7.36 16.63
CA PHE A 200 2.68 -6.66 15.50
C PHE A 200 1.18 -6.44 15.78
N SER A 201 0.48 -7.46 16.29
CA SER A 201 -0.96 -7.35 16.62
C SER A 201 -1.27 -6.33 17.69
N ARG A 202 -0.52 -6.36 18.78
CA ARG A 202 -0.78 -5.42 19.88
C ARG A 202 -0.50 -3.98 19.47
N MET A 203 0.50 -3.80 18.63
CA MET A 203 0.87 -2.45 18.21
C MET A 203 -0.16 -1.85 17.26
N LEU A 204 -0.61 -2.68 16.32
CA LEU A 204 -1.71 -2.36 15.44
C LEU A 204 -2.98 -2.06 16.21
N HIS A 205 -3.23 -2.85 17.26
CA HIS A 205 -4.40 -2.63 18.09
C HIS A 205 -4.35 -1.24 18.69
N ARG A 206 -3.24 -0.91 19.31
CA ARG A 206 -3.01 0.41 19.92
C ARG A 206 -3.09 1.57 18.91
N MET A 207 -2.49 1.35 17.73
CA MET A 207 -2.56 2.33 16.65
C MET A 207 -4.00 2.73 16.39
N GLY A 208 -4.85 1.71 16.19
CA GLY A 208 -6.27 1.92 15.94
C GLY A 208 -6.93 2.76 17.00
N GLN A 209 -6.52 2.56 18.25
CA GLN A 209 -7.06 3.31 19.37
C GLN A 209 -6.58 4.74 19.45
N VAL A 210 -5.35 5.01 18.99
CA VAL A 210 -4.78 6.34 19.13
C VAL A 210 -4.99 7.25 17.92
N LEU A 211 -5.19 6.64 16.75
CA LEU A 211 -5.45 7.41 15.55
C LEU A 211 -6.51 8.48 15.70
N PRO A 212 -7.64 8.20 16.42
CA PRO A 212 -8.59 9.29 16.70
C PRO A 212 -8.02 10.48 17.44
N LYS A 213 -6.84 10.36 18.08
CA LYS A 213 -6.23 11.53 18.73
C LYS A 213 -5.28 12.36 17.84
N ALA A 214 -4.97 11.88 16.64
CA ALA A 214 -4.12 12.68 15.72
C ALA A 214 -4.71 14.05 15.41
N THR A 215 -3.85 15.06 15.22
CA THR A 215 -4.24 16.33 14.62
C THR A 215 -4.96 16.11 13.28
N ALA A 216 -4.41 15.23 12.44
CA ALA A 216 -5.08 14.84 11.19
C ALA A 216 -4.46 13.55 10.73
N VAL A 217 -5.28 12.67 10.16
CA VAL A 217 -4.78 11.44 9.52
C VAL A 217 -4.92 11.71 8.03
N PHE A 218 -3.84 11.54 7.30
CA PHE A 218 -3.95 11.71 5.84
C PHE A 218 -3.69 10.39 5.08
N ILE A 219 -4.19 10.29 3.84
CA ILE A 219 -4.25 9.00 3.14
C ILE A 219 -4.14 9.23 1.61
N ASN A 220 -3.49 8.28 0.94
CA ASN A 220 -3.33 8.32 -0.51
C ASN A 220 -4.61 7.72 -1.12
N SER A 221 -5.69 8.48 -1.09
CA SER A 221 -6.97 8.04 -1.67
C SER A 221 -7.77 9.27 -1.98
N PHE A 222 -8.99 9.11 -2.53
CA PHE A 222 -9.89 10.26 -2.77
C PHE A 222 -11.26 10.03 -2.08
N GLU A 223 -11.81 11.10 -1.51
CA GLU A 223 -13.05 11.02 -0.75
C GLU A 223 -14.17 10.28 -1.50
N GLU A 224 -14.27 10.52 -2.80
CA GLU A 224 -15.41 10.03 -3.61
C GLU A 224 -15.27 8.56 -3.97
N LEU A 225 -14.15 7.95 -3.58
CA LEU A 225 -14.02 6.50 -3.70
C LEU A 225 -15.19 5.82 -2.99
N ASP A 226 -15.56 6.33 -1.83
CA ASP A 226 -16.76 5.84 -1.13
C ASP A 226 -17.16 6.95 -0.17
N ASP A 227 -18.17 7.73 -0.56
CA ASP A 227 -18.56 8.91 0.25
C ASP A 227 -19.00 8.54 1.69
N SER A 228 -19.69 7.40 1.84
CA SER A 228 -20.17 6.98 3.18
C SER A 228 -19.02 6.62 4.11
N LEU A 229 -18.05 5.88 3.54
CA LEU A 229 -16.85 5.49 4.25
C LEU A 229 -16.07 6.74 4.68
N THR A 230 -15.90 7.65 3.72
CA THR A 230 -15.29 8.98 4.01
C THR A 230 -16.01 9.68 5.17
N ASN A 231 -17.35 9.78 5.09
CA ASN A 231 -18.10 10.48 6.15
C ASN A 231 -17.92 9.78 7.49
N ASP A 232 -17.94 8.44 7.47
CA ASP A 232 -17.79 7.70 8.70
C ASP A 232 -16.41 7.95 9.33
N LEU A 233 -15.36 7.92 8.50
CA LEU A 233 -14.02 8.14 9.04
C LEU A 233 -13.88 9.57 9.56
N LYS A 234 -14.51 10.54 8.89
CA LYS A 234 -14.46 11.92 9.40
C LYS A 234 -15.15 12.02 10.78
N SER A 235 -16.06 11.08 11.06
CA SER A 235 -16.76 11.05 12.34
C SER A 235 -15.91 10.41 13.44
N LYS A 236 -14.96 9.57 13.06
CA LYS A 236 -14.11 8.83 14.00
C LYS A 236 -12.76 9.55 14.24
N LEU A 237 -12.38 10.43 13.33
CA LEU A 237 -11.04 11.02 13.42
C LEU A 237 -11.19 12.54 13.54
N LYS A 238 -10.23 13.22 14.17
CA LYS A 238 -10.36 14.67 14.38
C LYS A 238 -10.42 15.36 13.04
N THR A 239 -9.45 15.03 12.17
CA THR A 239 -9.39 15.58 10.80
C THR A 239 -8.87 14.49 9.90
N TYR A 240 -9.57 14.28 8.79
CA TYR A 240 -9.27 13.16 7.89
C TYR A 240 -9.16 13.67 6.44
N LEU A 241 -7.96 13.49 5.88
CA LEU A 241 -7.57 14.16 4.66
C LEU A 241 -7.14 13.19 3.54
N ASN A 242 -8.04 12.94 2.60
CA ASN A 242 -7.68 12.18 1.39
C ASN A 242 -6.89 13.11 0.46
N ILE A 243 -5.70 12.74 0.08
CA ILE A 243 -4.87 13.63 -0.74
C ILE A 243 -4.34 12.94 -1.98
N GLY A 244 -5.01 11.88 -2.38
CA GLY A 244 -4.59 11.14 -3.55
C GLY A 244 -5.69 10.96 -4.61
N PRO A 245 -5.47 10.02 -5.54
CA PRO A 245 -4.29 9.15 -5.69
C PRO A 245 -3.02 9.91 -6.09
N PHE A 246 -1.92 9.64 -5.38
CA PHE A 246 -0.62 10.25 -5.68
C PHE A 246 -0.19 10.08 -7.12
N ASN A 247 -0.46 8.91 -7.68
CA ASN A 247 0.11 8.59 -8.99
C ASN A 247 -0.60 9.31 -10.13
N LEU A 248 -1.76 9.87 -9.84
CA LEU A 248 -2.47 10.72 -10.79
C LEU A 248 -2.06 12.19 -10.66
N ILE A 249 -1.34 12.51 -9.59
CA ILE A 249 -0.80 13.84 -9.38
C ILE A 249 0.61 13.90 -9.97
N THR A 250 1.36 12.81 -9.81
CA THR A 250 2.78 12.76 -10.17
C THR A 250 3.03 11.60 -11.12
N GLY A 260 14.52 -2.79 -20.62
CA GLY A 260 14.06 -3.17 -21.96
C GLY A 260 12.59 -3.57 -22.02
N CYS A 261 11.89 -3.49 -20.88
CA CYS A 261 10.48 -3.88 -20.80
C CYS A 261 9.60 -3.07 -21.75
N LEU A 262 9.77 -1.76 -21.71
CA LEU A 262 8.96 -0.85 -22.52
C LEU A 262 9.22 -1.00 -24.02
N GLN A 263 10.47 -1.29 -24.36
CA GLN A 263 10.91 -1.48 -25.75
C GLN A 263 10.29 -2.74 -26.34
N TRP A 264 10.29 -3.80 -25.53
CA TRP A 264 9.63 -5.07 -25.82
C TRP A 264 8.11 -4.90 -26.00
N LEU A 265 7.48 -4.16 -25.09
CA LEU A 265 6.03 -3.90 -25.13
C LEU A 265 5.60 -3.14 -26.36
N LYS A 266 6.48 -2.25 -26.84
CA LYS A 266 6.28 -1.47 -28.06
C LYS A 266 5.77 -2.32 -29.22
N GLU A 267 6.28 -3.54 -29.32
CA GLU A 267 6.01 -4.45 -30.44
C GLU A 267 4.77 -5.36 -30.27
N ARG A 268 4.05 -5.21 -29.16
CA ARG A 268 2.96 -6.15 -28.84
C ARG A 268 1.62 -5.52 -29.22
N LYS A 269 0.62 -6.36 -29.48
CA LYS A 269 -0.71 -5.88 -29.84
C LYS A 269 -1.38 -5.17 -28.65
N PRO A 270 -2.30 -4.23 -28.95
CA PRO A 270 -2.98 -3.56 -27.86
C PRO A 270 -3.67 -4.55 -26.91
N THR A 271 -3.60 -4.29 -25.61
CA THR A 271 -4.41 -5.01 -24.62
C THR A 271 -4.24 -6.54 -24.65
N SER A 272 -3.02 -6.99 -24.97
CA SER A 272 -2.73 -8.39 -25.21
C SER A 272 -1.79 -9.06 -24.17
N VAL A 273 -1.09 -8.25 -23.38
CA VAL A 273 -0.05 -8.70 -22.43
C VAL A 273 -0.53 -8.80 -20.98
N VAL A 274 -0.17 -9.89 -20.32
CA VAL A 274 -0.45 -10.07 -18.89
C VAL A 274 0.80 -9.66 -18.14
N TYR A 275 0.65 -8.72 -17.22
CA TYR A 275 1.74 -8.33 -16.30
C TYR A 275 1.49 -9.01 -14.95
N ILE A 276 2.53 -9.62 -14.37
CA ILE A 276 2.38 -10.29 -13.06
C ILE A 276 3.37 -9.69 -12.05
N SER A 277 2.88 -9.24 -10.90
CA SER A 277 3.76 -8.87 -9.77
C SER A 277 3.03 -8.94 -8.44
N PHE A 278 3.78 -9.27 -7.38
CA PHE A 278 3.29 -9.30 -5.98
C PHE A 278 3.94 -8.31 -5.00
N GLY A 279 4.33 -7.17 -5.55
CA GLY A 279 4.86 -6.09 -4.77
C GLY A 279 6.29 -6.42 -4.36
N THR A 280 6.71 -5.85 -3.23
CA THR A 280 8.13 -5.85 -2.88
C THR A 280 8.58 -7.01 -1.99
N VAL A 281 7.64 -7.72 -1.35
CA VAL A 281 7.97 -8.63 -0.23
C VAL A 281 7.23 -9.95 -0.26
N THR A 282 6.52 -10.21 -1.35
CA THR A 282 5.70 -11.40 -1.44
C THR A 282 6.05 -12.15 -2.73
N THR A 283 6.17 -13.48 -2.64
CA THR A 283 6.28 -14.37 -3.80
C THR A 283 5.28 -15.50 -3.54
N PRO A 284 4.58 -16.00 -4.59
CA PRO A 284 3.67 -17.12 -4.26
C PRO A 284 4.46 -18.37 -3.88
N PRO A 285 3.79 -19.33 -3.23
CA PRO A 285 4.51 -20.56 -2.87
C PRO A 285 4.87 -21.34 -4.16
N PRO A 286 5.90 -22.21 -4.10
CA PRO A 286 6.38 -22.91 -5.31
C PRO A 286 5.27 -23.54 -6.18
N ALA A 287 4.28 -24.18 -5.57
CA ALA A 287 3.21 -24.83 -6.36
C ALA A 287 2.40 -23.84 -7.18
N GLU A 288 2.26 -22.62 -6.67
CA GLU A 288 1.56 -21.56 -7.38
C GLU A 288 2.43 -20.90 -8.45
N VAL A 289 3.73 -20.83 -8.19
CA VAL A 289 4.69 -20.45 -9.21
C VAL A 289 4.58 -21.43 -10.39
N VAL A 290 4.44 -22.72 -10.07
CA VAL A 290 4.29 -23.73 -11.12
C VAL A 290 2.99 -23.52 -11.91
N ALA A 291 1.88 -23.36 -11.18
CA ALA A 291 0.56 -23.19 -11.80
C ALA A 291 0.54 -21.99 -12.74
N LEU A 292 1.05 -20.86 -12.26
CA LEU A 292 1.21 -19.70 -13.13
C LEU A 292 2.08 -19.97 -14.37
N SER A 293 3.21 -20.61 -14.19
CA SER A 293 4.04 -20.91 -15.36
C SER A 293 3.27 -21.82 -16.39
N GLU A 294 2.48 -22.77 -15.90
CA GLU A 294 1.74 -23.70 -16.76
C GLU A 294 0.63 -22.98 -17.50
N ALA A 295 -0.05 -22.07 -16.83
CA ALA A 295 -1.13 -21.30 -17.45
C ALA A 295 -0.55 -20.41 -18.54
N LEU A 296 0.57 -19.76 -18.23
CA LEU A 296 1.22 -18.89 -19.26
C LEU A 296 1.64 -19.68 -20.48
N GLU A 297 2.29 -20.81 -20.24
CA GLU A 297 2.67 -21.71 -21.31
C GLU A 297 1.51 -22.23 -22.18
N ALA A 298 0.49 -22.78 -21.54
CA ALA A 298 -0.65 -23.37 -22.26
C ALA A 298 -1.45 -22.33 -23.04
N SER A 299 -1.64 -21.13 -22.47
CA SER A 299 -2.39 -20.10 -23.17
C SER A 299 -1.56 -19.39 -24.24
N ARG A 300 -0.23 -19.44 -24.08
CA ARG A 300 0.72 -18.70 -24.93
C ARG A 300 0.38 -17.22 -24.94
N VAL A 301 0.03 -16.71 -23.78
CA VAL A 301 -0.30 -15.30 -23.67
C VAL A 301 1.02 -14.54 -23.48
N PRO A 302 1.24 -13.45 -24.24
CA PRO A 302 2.44 -12.64 -23.97
C PRO A 302 2.42 -12.10 -22.51
N PHE A 303 3.59 -12.06 -21.88
CA PHE A 303 3.62 -11.75 -20.44
C PHE A 303 4.92 -11.09 -20.01
N ILE A 304 4.82 -10.25 -18.98
CA ILE A 304 5.97 -9.81 -18.23
C ILE A 304 5.72 -10.18 -16.77
N TRP A 305 6.58 -11.02 -16.23
CA TRP A 305 6.42 -11.50 -14.88
C TRP A 305 7.57 -10.98 -14.02
N SER A 306 7.24 -10.12 -13.06
CA SER A 306 8.23 -9.61 -12.09
C SER A 306 8.34 -10.69 -11.01
N LEU A 307 9.49 -11.36 -10.96
CA LEU A 307 9.66 -12.50 -10.06
C LEU A 307 11.02 -12.35 -9.42
N ARG A 308 11.10 -12.37 -8.08
CA ARG A 308 12.45 -12.36 -7.45
C ARG A 308 13.38 -13.41 -8.08
N ASP A 309 14.59 -12.99 -8.42
CA ASP A 309 15.58 -13.93 -8.98
C ASP A 309 15.77 -15.18 -8.13
N LYS A 310 15.85 -15.02 -6.82
CA LYS A 310 15.95 -16.20 -5.94
C LYS A 310 14.81 -17.21 -6.15
N ALA A 311 13.62 -16.73 -6.52
CA ALA A 311 12.43 -17.59 -6.70
C ALA A 311 12.42 -18.33 -8.03
N ARG A 312 13.35 -17.98 -8.92
CA ARG A 312 13.45 -18.63 -10.22
C ARG A 312 13.72 -20.12 -10.13
N VAL A 313 14.29 -20.56 -9.00
CA VAL A 313 14.54 -21.99 -8.75
C VAL A 313 13.23 -22.79 -8.76
N HIS A 314 12.11 -22.11 -8.59
CA HIS A 314 10.81 -22.80 -8.50
C HIS A 314 10.12 -22.91 -9.87
N LEU A 315 10.68 -22.27 -10.88
CA LEU A 315 10.12 -22.39 -12.23
C LEU A 315 10.40 -23.79 -12.80
N PRO A 316 9.40 -24.41 -13.47
CA PRO A 316 9.61 -25.74 -14.04
C PRO A 316 10.67 -25.76 -15.11
N GLU A 317 11.44 -26.84 -15.15
CA GLU A 317 12.43 -27.03 -16.19
C GLU A 317 11.75 -26.80 -17.52
N GLY A 318 12.37 -26.03 -18.39
CA GLY A 318 11.81 -25.85 -19.72
C GLY A 318 10.87 -24.67 -19.90
N PHE A 319 10.34 -24.13 -18.80
CA PHE A 319 9.44 -22.97 -18.89
C PHE A 319 10.07 -21.75 -19.56
N LEU A 320 11.26 -21.36 -19.11
CA LEU A 320 11.90 -20.21 -19.73
C LEU A 320 12.14 -20.42 -21.24
N GLU A 321 12.60 -21.61 -21.61
CA GLU A 321 12.90 -21.90 -23.00
C GLU A 321 11.64 -21.88 -23.87
N LYS A 322 10.56 -22.46 -23.37
CA LYS A 322 9.34 -22.54 -24.19
C LYS A 322 8.60 -21.20 -24.29
N THR A 323 8.88 -20.29 -23.34
CA THR A 323 8.16 -18.98 -23.30
C THR A 323 8.98 -17.81 -23.81
N ARG A 324 10.23 -18.09 -24.17
CA ARG A 324 11.22 -17.09 -24.54
C ARG A 324 10.72 -16.19 -25.67
N GLY A 325 9.96 -16.77 -26.59
CA GLY A 325 9.50 -16.02 -27.76
C GLY A 325 8.36 -15.08 -27.45
N TYR A 326 7.75 -15.15 -26.27
CA TYR A 326 6.59 -14.33 -26.01
C TYR A 326 6.43 -13.75 -24.61
N GLY A 327 7.32 -14.08 -23.70
CA GLY A 327 7.19 -13.58 -22.35
C GLY A 327 8.55 -13.40 -21.72
N MET A 328 8.60 -12.53 -20.70
CA MET A 328 9.84 -12.23 -19.98
C MET A 328 9.59 -12.35 -18.51
N VAL A 329 10.59 -12.90 -17.82
CA VAL A 329 10.63 -13.03 -16.35
C VAL A 329 11.82 -12.17 -15.90
N VAL A 330 11.53 -11.12 -15.12
CA VAL A 330 12.51 -10.09 -14.72
C VAL A 330 12.47 -9.90 -13.19
N PRO A 331 13.62 -9.57 -12.57
CA PRO A 331 13.57 -9.39 -11.12
C PRO A 331 12.89 -8.09 -10.72
N TRP A 332 12.80 -7.13 -11.63
CA TRP A 332 12.15 -5.84 -11.34
C TRP A 332 11.68 -5.21 -12.61
N ALA A 333 10.44 -4.72 -12.62
CA ALA A 333 9.93 -4.05 -13.82
C ALA A 333 9.68 -2.60 -13.48
N PRO A 334 9.71 -1.73 -14.50
CA PRO A 334 9.23 -0.38 -14.23
C PRO A 334 7.67 -0.40 -14.21
N GLN A 335 7.11 -0.83 -13.08
CA GLN A 335 5.72 -1.30 -13.08
C GLN A 335 4.70 -0.23 -13.46
N ALA A 336 4.82 0.98 -12.92
CA ALA A 336 3.80 1.98 -13.22
C ALA A 336 3.83 2.27 -14.72
N GLU A 337 5.03 2.30 -15.31
CA GLU A 337 5.14 2.55 -16.78
C GLU A 337 4.60 1.37 -17.59
N VAL A 338 4.83 0.15 -17.12
CA VAL A 338 4.32 -1.04 -17.82
C VAL A 338 2.77 -1.00 -17.79
N LEU A 339 2.19 -0.67 -16.63
CA LEU A 339 0.73 -0.68 -16.48
C LEU A 339 0.08 0.40 -17.35
N ALA A 340 0.84 1.46 -17.63
CA ALA A 340 0.36 2.55 -18.46
C ALA A 340 0.51 2.27 -19.96
N HIS A 341 1.18 1.17 -20.29
CA HIS A 341 1.46 0.86 -21.66
C HIS A 341 0.24 0.19 -22.34
N GLU A 342 -0.10 0.68 -23.52
CA GLU A 342 -1.26 0.21 -24.31
C GLU A 342 -1.30 -1.31 -24.60
N ALA A 343 -0.13 -1.96 -24.64
CA ALA A 343 -0.03 -3.42 -24.89
C ALA A 343 -0.52 -4.29 -23.71
N VAL A 344 -0.58 -3.69 -22.51
CA VAL A 344 -0.96 -4.47 -21.32
C VAL A 344 -2.48 -4.63 -21.18
N GLY A 345 -2.92 -5.87 -21.02
CA GLY A 345 -4.36 -6.16 -20.92
C GLY A 345 -4.86 -6.66 -19.57
N ALA A 346 -3.95 -7.14 -18.72
CA ALA A 346 -4.35 -7.65 -17.40
C ALA A 346 -3.15 -7.58 -16.45
N PHE A 347 -3.48 -7.47 -15.17
CA PHE A 347 -2.49 -7.45 -14.08
C PHE A 347 -2.82 -8.52 -13.01
N VAL A 348 -1.99 -9.56 -12.95
CA VAL A 348 -2.04 -10.54 -11.85
C VAL A 348 -1.29 -9.91 -10.66
N THR A 349 -2.04 -9.64 -9.59
CA THR A 349 -1.58 -8.80 -8.46
C THR A 349 -1.85 -9.41 -7.09
N HIS A 350 -1.04 -9.06 -6.08
CA HIS A 350 -1.37 -9.38 -4.67
C HIS A 350 -2.36 -8.36 -4.08
N CYS A 351 -2.75 -7.36 -4.86
CA CYS A 351 -3.71 -6.30 -4.42
C CYS A 351 -3.13 -5.32 -3.38
N GLY A 352 -1.85 -5.04 -3.46
CA GLY A 352 -1.27 -3.99 -2.63
C GLY A 352 -1.85 -2.67 -3.13
N TRP A 353 -2.05 -1.75 -2.20
CA TRP A 353 -2.68 -0.45 -2.49
C TRP A 353 -1.99 0.34 -3.59
N ASN A 354 -0.66 0.43 -3.56
CA ASN A 354 0.03 1.24 -4.57
C ASN A 354 -0.10 0.60 -5.97
N SER A 355 0.06 -0.71 -6.05
CA SER A 355 -0.10 -1.42 -7.32
C SER A 355 -1.52 -1.21 -7.90
N LEU A 356 -2.53 -1.31 -7.04
CA LEU A 356 -3.92 -1.17 -7.50
C LEU A 356 -4.09 0.19 -8.20
N TRP A 357 -3.68 1.28 -7.56
CA TRP A 357 -3.84 2.64 -8.16
C TRP A 357 -3.04 2.88 -9.43
N GLU A 358 -1.88 2.23 -9.55
CA GLU A 358 -1.12 2.27 -10.81
C GLU A 358 -1.88 1.52 -11.92
N SER A 359 -2.55 0.41 -11.55
CA SER A 359 -3.32 -0.33 -12.56
C SER A 359 -4.55 0.50 -12.99
N VAL A 360 -5.17 1.18 -12.03
CA VAL A 360 -6.28 2.09 -12.34
C VAL A 360 -5.79 3.21 -13.26
N ALA A 361 -4.61 3.76 -13.00
CA ALA A 361 -4.06 4.83 -13.85
C ALA A 361 -3.88 4.34 -15.26
N GLY A 362 -3.47 3.07 -15.39
CA GLY A 362 -3.26 2.48 -16.71
C GLY A 362 -4.51 1.95 -17.38
N GLY A 363 -5.64 1.89 -16.65
CA GLY A 363 -6.87 1.27 -17.15
C GLY A 363 -6.77 -0.25 -17.31
N VAL A 364 -5.96 -0.91 -16.49
CA VAL A 364 -5.76 -2.37 -16.64
C VAL A 364 -6.53 -3.17 -15.59
N PRO A 365 -7.39 -4.11 -16.03
CA PRO A 365 -8.13 -4.96 -15.07
C PRO A 365 -7.23 -5.89 -14.22
N LEU A 366 -7.64 -6.09 -12.97
CA LEU A 366 -6.88 -6.94 -12.06
C LEU A 366 -7.32 -8.39 -12.07
N ILE A 367 -6.35 -9.28 -11.86
CA ILE A 367 -6.61 -10.69 -11.48
C ILE A 367 -6.04 -10.86 -10.06
N CYS A 368 -6.92 -10.98 -9.06
CA CYS A 368 -6.53 -10.80 -7.65
C CYS A 368 -6.12 -12.08 -6.91
N ARG A 369 -4.97 -12.02 -6.26
CA ARG A 369 -4.49 -13.16 -5.52
C ARG A 369 -3.89 -12.61 -4.23
N PRO A 370 -4.75 -12.09 -3.31
CA PRO A 370 -4.25 -11.46 -2.09
C PRO A 370 -3.61 -12.47 -1.12
N PHE A 371 -2.62 -12.01 -0.34
CA PHE A 371 -1.91 -12.89 0.62
C PHE A 371 -2.21 -12.58 2.10
N PHE A 372 -1.94 -11.34 2.51
CA PHE A 372 -2.03 -10.98 3.94
C PHE A 372 -2.23 -9.52 4.11
N GLY A 373 -2.27 -9.08 5.36
CA GLY A 373 -2.49 -7.67 5.65
C GLY A 373 -3.83 -7.22 5.09
N ASP A 374 -3.84 -6.06 4.43
CA ASP A 374 -5.03 -5.45 3.81
C ASP A 374 -5.41 -6.02 2.44
N GLN A 375 -4.69 -7.03 1.99
CA GLN A 375 -4.78 -7.42 0.58
C GLN A 375 -6.11 -8.06 0.26
N ARG A 376 -6.66 -8.82 1.21
CA ARG A 376 -8.03 -9.37 1.03
C ARG A 376 -9.12 -8.31 0.98
N LEU A 377 -8.96 -7.25 1.78
CA LEU A 377 -9.93 -6.17 1.73
C LEU A 377 -9.85 -5.47 0.39
N ASN A 378 -8.63 -5.24 -0.07
CA ASN A 378 -8.44 -4.63 -1.39
C ASN A 378 -8.97 -5.52 -2.50
N GLY A 379 -8.76 -6.84 -2.40
CA GLY A 379 -9.31 -7.81 -3.37
C GLY A 379 -10.84 -7.70 -3.45
N ARG A 380 -11.49 -7.68 -2.30
CA ARG A 380 -12.93 -7.52 -2.20
C ARG A 380 -13.43 -6.22 -2.85
N MET A 381 -12.76 -5.12 -2.55
CA MET A 381 -13.04 -3.81 -3.17
C MET A 381 -12.98 -3.91 -4.69
N VAL A 382 -11.88 -4.48 -5.20
CA VAL A 382 -11.68 -4.64 -6.64
C VAL A 382 -12.77 -5.51 -7.28
N GLU A 383 -13.05 -6.67 -6.69
CA GLU A 383 -13.95 -7.65 -7.30
C GLU A 383 -15.44 -7.27 -7.10
N ASP A 384 -15.80 -6.96 -5.87
CA ASP A 384 -17.20 -6.84 -5.48
C ASP A 384 -17.73 -5.42 -5.36
N VAL A 385 -16.87 -4.45 -5.19
CA VAL A 385 -17.36 -3.08 -4.99
C VAL A 385 -17.16 -2.25 -6.26
N LEU A 386 -15.91 -2.14 -6.68
CA LEU A 386 -15.57 -1.34 -7.85
C LEU A 386 -15.77 -2.10 -9.15
N GLU A 387 -15.68 -3.44 -9.06
CA GLU A 387 -15.77 -4.33 -10.22
C GLU A 387 -14.75 -3.95 -11.31
N ILE A 388 -13.47 -3.89 -10.90
CA ILE A 388 -12.39 -3.56 -11.85
C ILE A 388 -11.44 -4.71 -11.94
N GLY A 389 -11.83 -5.85 -11.38
CA GLY A 389 -10.97 -7.03 -11.47
C GLY A 389 -11.74 -8.29 -11.18
N VAL A 390 -11.07 -9.42 -11.36
CA VAL A 390 -11.66 -10.73 -11.10
C VAL A 390 -10.90 -11.44 -10.01
N ARG A 391 -11.61 -12.36 -9.35
CA ARG A 391 -11.04 -13.21 -8.32
C ARG A 391 -10.54 -14.53 -8.92
N ILE A 392 -9.56 -15.11 -8.26
CA ILE A 392 -9.13 -16.45 -8.56
C ILE A 392 -9.94 -17.38 -7.64
N GLU A 393 -10.75 -18.25 -8.26
CA GLU A 393 -11.53 -19.26 -7.54
C GLU A 393 -10.63 -20.02 -6.56
N GLY A 394 -10.97 -20.02 -5.28
CA GLY A 394 -10.19 -20.73 -4.25
C GLY A 394 -9.09 -19.88 -3.63
N GLY A 395 -8.85 -18.72 -4.21
CA GLY A 395 -7.83 -17.83 -3.67
C GLY A 395 -6.40 -18.28 -3.88
N VAL A 396 -6.21 -19.36 -4.67
CA VAL A 396 -4.88 -19.87 -5.02
C VAL A 396 -4.79 -20.07 -6.54
N PHE A 397 -3.61 -19.80 -7.09
CA PHE A 397 -3.32 -20.11 -8.49
C PHE A 397 -3.49 -21.61 -8.81
N THR A 398 -4.35 -21.89 -9.79
CA THR A 398 -4.39 -23.15 -10.53
C THR A 398 -4.20 -22.85 -12.03
N LYS A 399 -3.68 -23.81 -12.78
CA LYS A 399 -3.53 -23.65 -14.22
C LYS A 399 -4.85 -23.27 -14.90
N SER A 400 -5.88 -24.08 -14.72
CA SER A 400 -7.15 -23.79 -15.43
C SER A 400 -7.80 -22.53 -14.91
N GLY A 401 -7.68 -22.25 -13.61
CA GLY A 401 -8.29 -21.03 -13.08
C GLY A 401 -7.66 -19.79 -13.68
N LEU A 402 -6.33 -19.77 -13.79
CA LEU A 402 -5.65 -18.63 -14.40
C LEU A 402 -5.98 -18.45 -15.89
N MET A 403 -5.98 -19.54 -16.66
CA MET A 403 -6.35 -19.46 -18.06
C MET A 403 -7.76 -18.92 -18.30
N SER A 404 -8.70 -19.31 -17.43
CA SER A 404 -10.02 -18.70 -17.51
C SER A 404 -9.99 -17.18 -17.26
N CYS A 405 -9.26 -16.73 -16.23
CA CYS A 405 -9.15 -15.29 -15.95
C CYS A 405 -8.53 -14.58 -17.15
N PHE A 406 -7.48 -15.15 -17.75
CA PHE A 406 -6.83 -14.51 -18.89
C PHE A 406 -7.86 -14.35 -20.05
N ASP A 407 -8.56 -15.42 -20.37
CA ASP A 407 -9.61 -15.41 -21.43
C ASP A 407 -10.71 -14.37 -21.15
N GLN A 408 -11.30 -14.40 -19.95
CA GLN A 408 -12.38 -13.48 -19.52
C GLN A 408 -11.95 -12.04 -19.76
N ILE A 409 -10.75 -11.69 -19.31
CA ILE A 409 -10.30 -10.32 -19.38
C ILE A 409 -9.81 -9.92 -20.76
N LEU A 410 -8.98 -10.77 -21.38
CA LEU A 410 -8.34 -10.39 -22.65
C LEU A 410 -9.21 -10.58 -23.87
N SER A 411 -10.10 -11.57 -23.83
CA SER A 411 -10.88 -11.92 -25.03
C SER A 411 -12.41 -11.79 -24.93
N GLN A 412 -12.95 -11.68 -23.72
CA GLN A 412 -14.41 -11.77 -23.59
C GLN A 412 -15.03 -10.45 -23.12
N GLU A 413 -16.36 -10.43 -23.10
CA GLU A 413 -17.13 -9.27 -22.68
C GLU A 413 -16.79 -8.74 -21.29
N LYS A 414 -16.55 -9.64 -20.34
CA LYS A 414 -16.16 -9.26 -18.95
C LYS A 414 -15.03 -8.22 -18.91
N GLY A 415 -14.00 -8.45 -19.72
CA GLY A 415 -12.87 -7.51 -19.79
C GLY A 415 -13.26 -6.16 -20.32
N LYS A 416 -14.18 -6.15 -21.30
CA LYS A 416 -14.72 -4.91 -21.83
C LYS A 416 -15.45 -4.09 -20.75
N LYS A 417 -16.21 -4.79 -19.92
CA LYS A 417 -16.91 -4.14 -18.82
C LYS A 417 -15.95 -3.63 -17.74
N LEU A 418 -14.96 -4.45 -17.40
CA LEU A 418 -13.95 -4.04 -16.40
C LEU A 418 -13.20 -2.82 -16.87
N ARG A 419 -12.83 -2.80 -18.15
CA ARG A 419 -12.17 -1.64 -18.73
C ARG A 419 -13.06 -0.38 -18.69
N GLU A 420 -14.36 -0.55 -18.92
CA GLU A 420 -15.32 0.58 -18.80
C GLU A 420 -15.37 1.10 -17.36
N ASN A 421 -15.48 0.18 -16.41
CA ASN A 421 -15.46 0.52 -14.97
C ASN A 421 -14.18 1.26 -14.57
N LEU A 422 -13.05 0.78 -15.06
CA LEU A 422 -11.78 1.45 -14.80
C LEU A 422 -11.77 2.87 -15.34
N ARG A 423 -12.34 3.07 -16.55
CA ARG A 423 -12.31 4.41 -17.16
C ARG A 423 -13.11 5.41 -16.31
N ALA A 424 -14.26 4.98 -15.83
CA ALA A 424 -15.14 5.86 -15.06
C ALA A 424 -14.52 6.16 -13.68
N LEU A 425 -13.90 5.15 -13.09
CA LEU A 425 -13.24 5.30 -11.81
C LEU A 425 -12.09 6.30 -11.89
N ARG A 426 -11.24 6.14 -12.92
CA ARG A 426 -10.09 7.01 -13.13
CA ARG A 426 -10.10 7.02 -13.12
C ARG A 426 -10.51 8.47 -13.31
N GLU A 427 -11.61 8.69 -14.05
CA GLU A 427 -12.12 10.04 -14.27
C GLU A 427 -12.52 10.69 -12.94
N THR A 428 -13.22 9.94 -12.09
CA THR A 428 -13.57 10.46 -10.75
C THR A 428 -12.32 10.86 -9.96
N ALA A 429 -11.34 9.95 -9.96
CA ALA A 429 -10.09 10.12 -9.23
C ALA A 429 -9.40 11.36 -9.78
N ASP A 430 -9.35 11.49 -11.11
CA ASP A 430 -8.73 12.66 -11.77
C ASP A 430 -9.38 13.97 -11.34
N ARG A 431 -10.71 13.99 -11.25
CA ARG A 431 -11.42 15.19 -10.80
C ARG A 431 -11.07 15.52 -9.35
N ALA A 432 -10.91 14.50 -8.50
CA ALA A 432 -10.52 14.73 -7.09
C ALA A 432 -9.15 15.43 -6.95
N VAL A 433 -8.23 15.12 -7.88
CA VAL A 433 -6.92 15.77 -7.84
C VAL A 433 -6.80 16.92 -8.81
N GLY A 434 -7.89 17.27 -9.48
CA GLY A 434 -7.89 18.45 -10.33
C GLY A 434 -8.05 19.76 -9.56
N PRO A 435 -8.08 20.89 -10.29
CA PRO A 435 -8.33 22.17 -9.61
C PRO A 435 -9.70 22.10 -8.94
N LYS A 436 -9.85 22.63 -7.76
CA LYS A 436 -11.12 22.50 -7.01
C LYS A 436 -11.48 21.04 -6.58
N GLY A 437 -10.61 20.08 -6.84
CA GLY A 437 -10.89 18.70 -6.43
C GLY A 437 -10.81 18.54 -4.91
N SER A 438 -11.55 17.57 -4.37
CA SER A 438 -11.50 17.27 -2.93
C SER A 438 -10.06 17.01 -2.42
N SER A 439 -9.26 16.24 -3.17
CA SER A 439 -7.87 15.93 -2.74
C SER A 439 -6.99 17.15 -2.80
N THR A 440 -7.20 17.98 -3.83
CA THR A 440 -6.47 19.24 -3.94
C THR A 440 -6.74 20.15 -2.73
N GLU A 441 -8.00 20.29 -2.35
CA GLU A 441 -8.40 21.12 -1.20
C GLU A 441 -7.89 20.55 0.13
N ASN A 442 -7.99 19.23 0.30
CA ASN A 442 -7.43 18.55 1.48
C ASN A 442 -5.92 18.75 1.57
N PHE A 443 -5.23 18.74 0.42
CA PHE A 443 -3.78 18.90 0.44
C PHE A 443 -3.40 20.30 0.90
N ILE A 444 -4.19 21.28 0.50
CA ILE A 444 -4.00 22.65 1.02
C ILE A 444 -4.11 22.66 2.55
N THR A 445 -5.10 21.96 3.09
CA THR A 445 -5.25 21.85 4.53
C THR A 445 -4.01 21.25 5.18
N LEU A 446 -3.45 20.22 4.56
CA LEU A 446 -2.29 19.54 5.13
C LEU A 446 -1.04 20.45 5.06
N VAL A 447 -0.85 21.13 3.92
CA VAL A 447 0.26 22.09 3.82
C VAL A 447 0.16 23.11 4.98
N ASP A 448 -1.07 23.57 5.25
CA ASP A 448 -1.33 24.54 6.33
C ASP A 448 -0.92 23.93 7.66
N LEU A 449 -1.29 22.67 7.90
CA LEU A 449 -0.89 22.01 9.15
C LEU A 449 0.64 21.87 9.31
N VAL A 450 1.35 21.40 8.27
CA VAL A 450 2.82 21.20 8.39
C VAL A 450 3.58 22.54 8.37
N SER A 451 2.93 23.60 7.87
CA SER A 451 3.54 24.93 7.86
C SER A 451 3.49 25.64 9.20
N LYS A 452 2.69 25.14 10.12
CA LYS A 452 2.43 25.83 11.37
C LYS A 452 3.68 25.77 12.23
N PRO A 453 4.15 26.93 12.72
CA PRO A 453 5.31 26.85 13.60
C PRO A 453 4.92 26.13 14.88
N LYS A 454 5.93 25.74 15.65
CA LYS A 454 5.71 25.17 16.97
C LYS A 454 5.08 26.22 17.89
N ASP A 455 4.12 25.80 18.71
CA ASP A 455 3.48 26.69 19.69
C ASP A 455 4.53 27.23 20.66
N VAL A 456 4.38 28.50 21.07
CA VAL A 456 5.41 29.17 21.90
C VAL A 456 5.54 28.62 23.32
N1 UDP B . 7.12 -2.31 -8.05
C2 UDP B . 7.93 -2.02 -9.13
N3 UDP B . 8.50 -3.04 -9.87
C4 UDP B . 8.25 -4.35 -9.54
C5 UDP B . 7.43 -4.65 -8.43
C6 UDP B . 6.80 -3.62 -7.73
O2 UDP B . 8.18 -0.87 -9.46
O4 UDP B . 8.78 -5.24 -10.21
C1' UDP B . 6.52 -1.23 -7.27
C2' UDP B . 5.07 -0.97 -7.71
O2' UDP B . 5.00 -0.10 -8.83
C3' UDP B . 4.48 -0.34 -6.47
C4' UDP B . 5.24 -1.01 -5.33
O4' UDP B . 6.37 -1.61 -5.90
O3' UDP B . 4.68 1.08 -6.46
C5' UDP B . 4.36 -2.07 -4.67
O5' UDP B . 3.50 -1.46 -3.75
PA UDP B . 2.26 -2.23 -3.06
O1A UDP B . 1.40 -2.65 -4.18
O2A UDP B . 1.46 -1.30 -2.21
O3A UDP B . 2.75 -3.60 -2.41
PB UDP B . 3.88 -3.84 -1.27
O1B UDP B . 3.76 -2.79 -0.22
O2B UDP B . 5.22 -3.70 -1.86
O3B UDP B . 3.53 -5.18 -0.70
C1 B3P C . 2.21 -3.46 4.65
C2 B3P C . 2.35 -2.98 3.19
C3 B3P C . 3.56 -3.64 5.34
N1 B3P C . 3.53 -4.71 6.33
C4 B3P C . 4.66 -5.59 6.53
C5 B3P C . 5.91 -5.01 5.86
C6 B3P C . 4.87 -5.69 8.05
C7 B3P C . 4.27 -6.95 5.94
N2 B3P C . 1.08 -2.40 2.78
C8 B3P C . 0.61 -2.28 1.40
C9 B3P C . 0.59 -3.67 0.71
C10 B3P C . 1.48 -1.23 0.70
C11 B3P C . -0.81 -1.72 1.48
O1 B3P C . -0.25 -4.64 1.39
O2 B3P C . 1.51 0.07 1.39
O3 B3P C . -1.65 -2.30 0.47
O4 B3P C . 6.75 -5.99 5.21
O5 B3P C . 4.23 -6.84 8.66
O6 B3P C . 5.37 -7.88 5.89
#